data_3NI6
#
_entry.id   3NI6
#
_cell.length_a   54.917
_cell.length_b   41.857
_cell.length_c   55.339
_cell.angle_alpha   90.00
_cell.angle_beta   106.40
_cell.angle_gamma   90.00
#
_symmetry.space_group_name_H-M   'P 1 21 1'
#
loop_
_entity.id
_entity.type
_entity.pdbx_description
1 polymer '70 kDa peptidylprolyl isomerase'
2 non-polymer GLYCEROL
3 water water
#
_entity_poly.entity_id   1
_entity_poly.type   'polypeptide(L)'
_entity_poly.pdbx_seq_one_letter_code
;MEQETLEQVHLTEDGGVVKTILRKGEGGEENAPKKGNEVTVHYVGKLESSGKVFDSSRERNVPFKFHLGQGEVIKGWDIC
VASMTKNEKCSVRLDSKYGYGEEGCGESIPGNSVLIFEIELISFRE
;
_entity_poly.pdbx_strand_id   A,B
#
loop_
_chem_comp.id
_chem_comp.type
_chem_comp.name
_chem_comp.formula
GOL non-polymer GLYCEROL 'C3 H8 O3'
#
# COMPACT_ATOMS: atom_id res chain seq x y z
N GLN A 3 -27.06 -11.75 4.19
CA GLN A 3 -28.27 -11.92 3.33
C GLN A 3 -29.36 -10.89 3.66
N GLU A 4 -29.26 -10.23 4.83
CA GLU A 4 -30.17 -9.15 5.19
C GLU A 4 -30.24 -8.07 4.11
N THR A 5 -31.42 -7.52 3.87
CA THR A 5 -31.59 -6.37 2.96
C THR A 5 -30.94 -5.12 3.56
N LEU A 6 -29.85 -4.66 2.93
CA LEU A 6 -29.08 -3.55 3.46
C LEU A 6 -29.08 -2.36 2.54
N GLU A 7 -29.19 -1.19 3.15
CA GLU A 7 -29.22 0.07 2.43
C GLU A 7 -27.88 0.34 1.78
N GLN A 8 -27.92 0.83 0.55
CA GLN A 8 -26.66 1.25 -0.03
C GLN A 8 -26.51 2.73 -0.08
N VAL A 9 -25.31 3.21 0.28
CA VAL A 9 -25.07 4.62 0.39
C VAL A 9 -24.16 4.99 -0.77
N HIS A 10 -24.67 5.77 -1.69
CA HIS A 10 -23.85 6.34 -2.74
C HIS A 10 -23.06 7.54 -2.25
N LEU A 11 -21.73 7.47 -2.37
CA LEU A 11 -20.84 8.53 -1.88
C LEU A 11 -20.31 9.44 -2.98
N THR A 12 -20.66 9.12 -4.22
CA THR A 12 -20.40 9.99 -5.35
C THR A 12 -21.68 10.04 -6.20
N GLU A 13 -21.77 11.00 -7.10
CA GLU A 13 -22.97 11.14 -7.95
C GLU A 13 -22.96 10.21 -9.15
N ASP A 14 -21.83 9.55 -9.41
CA ASP A 14 -21.67 8.69 -10.57
C ASP A 14 -21.82 7.18 -10.31
N GLY A 15 -22.24 6.80 -9.11
CA GLY A 15 -22.38 5.39 -8.77
C GLY A 15 -21.06 4.64 -8.54
N GLY A 16 -19.93 5.37 -8.61
CA GLY A 16 -18.61 4.74 -8.59
C GLY A 16 -18.12 4.33 -7.21
N VAL A 17 -18.74 4.87 -6.15
CA VAL A 17 -18.37 4.52 -4.77
C VAL A 17 -19.70 4.28 -4.03
N VAL A 18 -20.00 3.01 -3.76
CA VAL A 18 -21.28 2.64 -3.12
C VAL A 18 -20.96 1.79 -1.90
N LYS A 19 -21.32 2.29 -0.71
CA LYS A 19 -21.01 1.63 0.55
C LYS A 19 -22.24 0.95 1.16
N THR A 20 -22.10 -0.30 1.54
CA THR A 20 -23.13 -1.06 2.24
C THR A 20 -22.64 -1.23 3.68
N ILE A 21 -23.38 -0.73 4.70
CA ILE A 21 -22.97 -0.91 6.09
C ILE A 21 -23.37 -2.31 6.57
N LEU A 22 -22.36 -3.09 6.96
CA LEU A 22 -22.57 -4.43 7.52
C LEU A 22 -22.76 -4.38 9.03
N ARG A 23 -22.01 -3.51 9.70
CA ARG A 23 -22.13 -3.28 11.11
C ARG A 23 -22.06 -1.78 11.36
N LYS A 24 -23.13 -1.19 11.89
CA LYS A 24 -23.13 0.24 12.19
C LYS A 24 -22.13 0.52 13.28
N GLY A 25 -21.41 1.63 13.11
CA GLY A 25 -20.47 2.06 14.12
C GLY A 25 -21.13 2.92 15.19
N GLU A 26 -20.28 3.61 15.93
CA GLU A 26 -20.75 4.44 17.03
C GLU A 26 -21.37 5.71 16.51
N GLY A 27 -22.37 6.21 17.21
CA GLY A 27 -23.01 7.45 16.80
C GLY A 27 -22.23 8.71 17.15
N GLY A 28 -22.50 9.77 16.40
CA GLY A 28 -22.01 11.10 16.74
C GLY A 28 -20.84 11.54 15.92
N GLU A 29 -20.52 12.82 16.07
CA GLU A 29 -19.49 13.45 15.26
C GLU A 29 -18.12 13.26 15.86
N GLU A 30 -18.08 13.14 17.19
CA GLU A 30 -16.87 12.75 17.90
C GLU A 30 -16.37 11.39 17.42
N ASN A 31 -17.24 10.65 16.73
CA ASN A 31 -16.92 9.30 16.30
C ASN A 31 -16.61 9.14 14.82
N ALA A 32 -16.61 10.27 14.12
CA ALA A 32 -16.22 10.34 12.71
C ALA A 32 -14.83 10.93 12.55
N PRO A 33 -13.99 10.26 11.76
CA PRO A 33 -12.65 10.80 11.51
C PRO A 33 -12.69 12.03 10.60
N LYS A 34 -11.68 12.88 10.77
CA LYS A 34 -11.59 14.14 10.05
C LYS A 34 -10.38 14.12 9.11
N LYS A 35 -10.41 15.01 8.10
CA LYS A 35 -9.27 15.14 7.16
C LYS A 35 -7.97 15.31 7.92
N GLY A 36 -6.97 14.50 7.58
CA GLY A 36 -5.67 14.60 8.18
C GLY A 36 -5.46 13.66 9.35
N ASN A 37 -6.55 13.15 9.95
CA ASN A 37 -6.44 12.19 11.04
C ASN A 37 -5.76 10.90 10.60
N GLU A 38 -5.04 10.28 11.52
CA GLU A 38 -4.54 8.94 11.27
C GLU A 38 -5.66 7.97 11.57
N VAL A 39 -6.02 7.20 10.56
CA VAL A 39 -7.04 6.16 10.79
C VAL A 39 -6.42 4.78 10.80
N THR A 40 -7.03 3.90 11.58
CA THR A 40 -6.62 2.51 11.62
C THR A 40 -7.77 1.65 11.16
N VAL A 41 -7.51 0.80 10.17
CA VAL A 41 -8.55 -0.03 9.59
C VAL A 41 -8.10 -1.48 9.44
N HIS A 42 -9.06 -2.40 9.36
CA HIS A 42 -8.77 -3.69 8.79
C HIS A 42 -9.52 -3.77 7.46
N TYR A 43 -8.97 -4.47 6.49
CA TYR A 43 -9.63 -4.56 5.21
C TYR A 43 -9.38 -5.88 4.50
N VAL A 44 -10.29 -6.21 3.58
CA VAL A 44 -10.15 -7.31 2.66
C VAL A 44 -10.58 -6.81 1.31
N GLY A 45 -9.70 -6.85 0.33
CA GLY A 45 -9.98 -6.38 -1.02
C GLY A 45 -10.07 -7.53 -2.00
N LYS A 46 -11.16 -7.56 -2.76
CA LYS A 46 -11.35 -8.59 -3.81
C LYS A 46 -11.81 -7.98 -5.09
N LEU A 47 -11.54 -8.69 -6.18
CA LEU A 47 -12.08 -8.30 -7.49
C LEU A 47 -13.54 -8.69 -7.52
N GLU A 48 -14.39 -7.79 -7.98
CA GLU A 48 -15.80 -8.16 -8.14
C GLU A 48 -15.94 -9.33 -9.13
N SER A 49 -15.24 -9.23 -10.28
CA SER A 49 -15.47 -10.18 -11.39
C SER A 49 -15.15 -11.63 -11.00
N SER A 50 -14.02 -11.85 -10.31
CA SER A 50 -13.64 -13.20 -9.99
C SER A 50 -13.78 -13.60 -8.54
N GLY A 51 -13.98 -12.63 -7.68
CA GLY A 51 -14.00 -12.88 -6.26
C GLY A 51 -12.63 -13.12 -5.63
N LYS A 52 -11.56 -13.00 -6.40
CA LYS A 52 -10.22 -13.28 -5.88
C LYS A 52 -9.80 -12.17 -4.91
N VAL A 53 -9.32 -12.57 -3.73
CA VAL A 53 -8.78 -11.63 -2.73
C VAL A 53 -7.38 -11.23 -3.14
N PHE A 54 -7.19 -9.93 -3.38
CA PHE A 54 -5.88 -9.44 -3.80
C PHE A 54 -5.04 -8.83 -2.68
N ASP A 55 -5.68 -8.54 -1.57
CA ASP A 55 -4.96 -7.94 -0.43
C ASP A 55 -5.86 -8.02 0.78
N SER A 56 -5.30 -8.39 1.92
CA SER A 56 -6.05 -8.49 3.16
C SER A 56 -5.16 -8.15 4.37
N SER A 57 -5.48 -7.08 5.11
CA SER A 57 -4.76 -6.85 6.35
C SER A 57 -5.17 -7.88 7.40
N ARG A 58 -6.36 -8.45 7.27
CA ARG A 58 -6.80 -9.47 8.23
C ARG A 58 -5.93 -10.73 8.13
N GLU A 59 -5.51 -11.09 6.91
CA GLU A 59 -4.63 -12.26 6.73
C GLU A 59 -3.28 -12.00 7.41
N ARG A 60 -2.81 -10.76 7.35
CA ARG A 60 -1.52 -10.39 7.94
C ARG A 60 -1.61 -10.24 9.44
N ASN A 61 -2.83 -10.08 9.95
CA ASN A 61 -3.08 -9.78 11.33
C ASN A 61 -2.46 -8.46 11.78
N VAL A 62 -2.42 -7.48 10.85
CA VAL A 62 -1.79 -6.20 11.10
C VAL A 62 -2.75 -5.13 10.59
N PRO A 63 -3.41 -4.37 11.51
CA PRO A 63 -4.24 -3.24 11.04
C PRO A 63 -3.41 -2.25 10.23
N PHE A 64 -4.06 -1.64 9.24
CA PHE A 64 -3.39 -0.70 8.34
C PHE A 64 -3.72 0.74 8.74
N LYS A 65 -2.70 1.60 8.72
CA LYS A 65 -2.83 2.99 9.17
C LYS A 65 -2.49 3.93 8.03
N PHE A 66 -3.31 4.98 7.87
CA PHE A 66 -3.00 6.00 6.89
C PHE A 66 -3.62 7.33 7.33
N HIS A 67 -3.18 8.41 6.68
CA HIS A 67 -3.78 9.73 6.93
C HIS A 67 -4.91 9.99 5.98
N LEU A 68 -6.07 10.28 6.53
CA LEU A 68 -7.29 10.44 5.74
C LEU A 68 -7.24 11.71 4.89
N GLY A 69 -7.68 11.60 3.65
CA GLY A 69 -7.97 12.75 2.81
C GLY A 69 -6.76 13.39 2.17
N GLN A 70 -5.68 12.61 2.02
CA GLN A 70 -4.41 13.12 1.48
C GLN A 70 -4.05 12.54 0.12
N GLY A 71 -4.85 11.62 -0.39
CA GLY A 71 -4.52 11.00 -1.67
C GLY A 71 -3.40 10.00 -1.48
N GLU A 72 -3.24 9.50 -0.26
CA GLU A 72 -2.22 8.47 -0.04
CA GLU A 72 -2.23 8.51 0.11
C GLU A 72 -2.72 7.03 -0.10
N VAL A 73 -4.00 6.90 -0.38
CA VAL A 73 -4.67 5.66 -0.71
C VAL A 73 -5.50 5.91 -1.97
N ILE A 74 -6.02 4.84 -2.59
CA ILE A 74 -6.90 5.06 -3.74
C ILE A 74 -8.08 5.99 -3.41
N LYS A 75 -8.60 6.68 -4.42
CA LYS A 75 -9.60 7.69 -4.15
CA LYS A 75 -9.65 7.68 -4.21
C LYS A 75 -10.84 7.14 -3.48
N GLY A 76 -11.26 5.94 -3.88
CA GLY A 76 -12.44 5.36 -3.23
C GLY A 76 -12.28 5.09 -1.76
N TRP A 77 -11.04 4.86 -1.31
CA TRP A 77 -10.80 4.70 0.12
C TRP A 77 -10.90 6.02 0.88
N ASP A 78 -10.32 7.09 0.32
CA ASP A 78 -10.47 8.40 0.99
C ASP A 78 -11.95 8.78 1.13
N ILE A 79 -12.72 8.52 0.09
CA ILE A 79 -14.12 8.89 0.09
C ILE A 79 -14.88 7.95 1.06
N CYS A 80 -14.66 6.65 0.95
CA CYS A 80 -15.37 5.73 1.83
C CYS A 80 -15.06 5.96 3.30
N VAL A 81 -13.77 5.99 3.66
CA VAL A 81 -13.44 6.07 5.09
C VAL A 81 -13.93 7.39 5.72
N ALA A 82 -13.94 8.48 4.94
CA ALA A 82 -14.47 9.75 5.42
C ALA A 82 -15.94 9.68 5.85
N SER A 83 -16.67 8.71 5.31
CA SER A 83 -18.08 8.52 5.58
C SER A 83 -18.35 7.59 6.77
N MET A 84 -17.31 6.97 7.32
CA MET A 84 -17.47 5.93 8.38
C MET A 84 -17.42 6.53 9.77
N THR A 85 -17.88 5.75 10.74
CA THR A 85 -17.68 6.08 12.15
C THR A 85 -16.96 4.95 12.85
N LYS A 86 -16.41 5.23 14.03
CA LYS A 86 -15.66 4.26 14.79
C LYS A 86 -16.47 2.95 14.91
N ASN A 87 -15.78 1.85 14.64
CA ASN A 87 -16.31 0.49 14.70
C ASN A 87 -17.24 0.09 13.56
N GLU A 88 -17.48 0.97 12.59
CA GLU A 88 -18.26 0.62 11.43
C GLU A 88 -17.52 -0.43 10.60
N LYS A 89 -18.26 -1.41 10.12
CA LYS A 89 -17.75 -2.34 9.11
C LYS A 89 -18.64 -2.20 7.90
N CYS A 90 -18.03 -2.02 6.73
CA CYS A 90 -18.77 -1.83 5.52
C CYS A 90 -18.19 -2.66 4.39
N SER A 91 -18.97 -2.81 3.34
CA SER A 91 -18.51 -3.31 2.06
C SER A 91 -18.69 -2.21 1.07
N VAL A 92 -17.62 -1.83 0.39
CA VAL A 92 -17.67 -0.76 -0.57
C VAL A 92 -17.29 -1.26 -1.95
N ARG A 93 -18.09 -0.88 -2.93
CA ARG A 93 -17.87 -1.22 -4.34
C ARG A 93 -17.31 0.00 -5.05
N LEU A 94 -16.12 -0.16 -5.62
CA LEU A 94 -15.40 0.93 -6.32
C LEU A 94 -15.28 0.63 -7.81
N ASP A 95 -15.85 1.52 -8.64
CA ASP A 95 -15.53 1.47 -10.06
CA ASP A 95 -15.52 1.54 -10.06
C ASP A 95 -14.04 1.80 -10.21
N SER A 96 -13.47 1.40 -11.34
CA SER A 96 -12.02 1.53 -11.49
C SER A 96 -11.54 2.99 -11.47
N LYS A 97 -12.41 3.93 -11.83
CA LYS A 97 -12.06 5.37 -11.70
C LYS A 97 -11.60 5.76 -10.30
N TYR A 98 -12.08 4.99 -9.31
CA TYR A 98 -11.86 5.24 -7.87
C TYR A 98 -10.85 4.23 -7.31
N GLY A 99 -10.31 3.40 -8.19
CA GLY A 99 -9.35 2.38 -7.81
C GLY A 99 -8.06 2.59 -8.57
N TYR A 100 -7.70 1.61 -9.41
CA TYR A 100 -6.43 1.60 -10.16
C TYR A 100 -6.59 1.88 -11.64
N GLY A 101 -7.79 2.29 -12.03
CA GLY A 101 -7.95 2.84 -13.38
C GLY A 101 -7.69 1.89 -14.52
N GLU A 102 -7.32 2.46 -15.66
CA GLU A 102 -7.07 1.66 -16.84
C GLU A 102 -5.83 0.81 -16.67
N GLU A 103 -4.87 1.25 -15.85
CA GLU A 103 -3.60 0.50 -15.75
C GLU A 103 -3.71 -0.76 -14.93
N GLY A 104 -4.57 -0.74 -13.91
CA GLY A 104 -4.59 -1.85 -12.94
C GLY A 104 -3.44 -1.75 -11.97
N CYS A 105 -3.17 -2.82 -11.23
CA CYS A 105 -2.07 -2.76 -10.24
C CYS A 105 -1.57 -4.15 -9.97
N GLY A 106 -0.49 -4.54 -10.65
CA GLY A 106 0.14 -5.84 -10.43
C GLY A 106 -0.68 -7.03 -10.91
N GLU A 107 -0.21 -8.24 -10.55
CA GLU A 107 -0.74 -9.49 -11.06
C GLU A 107 -2.18 -9.75 -10.70
N SER A 108 -2.65 -9.16 -9.59
CA SER A 108 -3.98 -9.46 -9.05
CA SER A 108 -3.99 -9.49 -9.10
C SER A 108 -5.07 -8.44 -9.38
N ILE A 109 -4.72 -7.30 -9.96
CA ILE A 109 -5.73 -6.26 -10.30
C ILE A 109 -5.61 -5.84 -11.76
N PRO A 110 -6.46 -6.38 -12.61
CA PRO A 110 -6.47 -6.02 -14.00
C PRO A 110 -6.89 -4.58 -14.26
N GLY A 111 -6.58 -4.06 -15.44
CA GLY A 111 -7.12 -2.76 -15.82
C GLY A 111 -8.64 -2.74 -15.83
N ASN A 112 -9.20 -1.57 -15.48
CA ASN A 112 -10.64 -1.34 -15.47
C ASN A 112 -11.45 -2.29 -14.56
N SER A 113 -10.84 -2.74 -13.46
CA SER A 113 -11.48 -3.67 -12.51
CA SER A 113 -11.54 -3.66 -12.58
C SER A 113 -12.35 -2.95 -11.49
N VAL A 114 -13.54 -3.49 -11.23
CA VAL A 114 -14.32 -3.08 -10.07
C VAL A 114 -13.75 -3.82 -8.87
N LEU A 115 -13.52 -3.05 -7.79
CA LEU A 115 -12.97 -3.61 -6.53
C LEU A 115 -14.02 -3.57 -5.46
N ILE A 116 -14.03 -4.61 -4.62
CA ILE A 116 -14.90 -4.67 -3.45
CA ILE A 116 -14.89 -4.63 -3.45
C ILE A 116 -14.01 -4.75 -2.22
N PHE A 117 -14.14 -3.79 -1.32
CA PHE A 117 -13.41 -3.86 -0.06
C PHE A 117 -14.36 -3.98 1.10
N GLU A 118 -14.10 -4.92 1.98
CA GLU A 118 -14.66 -4.90 3.33
C GLU A 118 -13.73 -4.08 4.18
N ILE A 119 -14.21 -3.00 4.77
CA ILE A 119 -13.38 -2.12 5.59
C ILE A 119 -14.01 -1.97 6.94
N GLU A 120 -13.19 -2.12 7.98
CA GLU A 120 -13.61 -1.87 9.36
C GLU A 120 -12.79 -0.71 9.91
N LEU A 121 -13.46 0.36 10.33
CA LEU A 121 -12.75 1.48 10.96
C LEU A 121 -12.52 1.17 12.43
N ILE A 122 -11.29 0.82 12.81
CA ILE A 122 -11.01 0.36 14.20
C ILE A 122 -10.89 1.56 15.15
N SER A 123 -10.20 2.59 14.70
CA SER A 123 -9.90 3.74 15.57
C SER A 123 -9.31 4.85 14.72
N PHE A 124 -9.19 6.04 15.29
CA PHE A 124 -8.49 7.14 14.62
C PHE A 124 -8.03 8.12 15.67
N ARG A 125 -7.07 8.94 15.27
CA ARG A 125 -6.55 9.94 16.17
C ARG A 125 -6.07 11.12 15.37
N GLU A 126 -5.76 12.21 16.06
CA GLU A 126 -5.27 13.39 15.36
C GLU A 126 -3.94 13.09 14.68
N LEU B 6 32.47 0.69 -4.97
CA LEU B 6 31.21 0.00 -5.38
C LEU B 6 30.85 -1.27 -4.59
N GLU B 7 29.62 -1.31 -4.08
CA GLU B 7 29.10 -2.61 -3.76
C GLU B 7 27.71 -2.75 -4.26
N GLN B 8 27.55 -3.61 -5.28
CA GLN B 8 26.24 -3.86 -5.87
C GLN B 8 25.84 -5.27 -5.51
N VAL B 9 24.93 -5.42 -4.57
CA VAL B 9 24.62 -6.73 -4.04
C VAL B 9 23.46 -7.33 -4.84
N HIS B 10 23.69 -8.45 -5.50
CA HIS B 10 22.61 -9.16 -6.21
C HIS B 10 21.85 -10.03 -5.21
N LEU B 11 20.67 -9.56 -4.79
CA LEU B 11 19.88 -10.23 -3.76
C LEU B 11 19.03 -11.39 -4.31
N THR B 12 18.86 -11.41 -5.64
CA THR B 12 18.24 -12.56 -6.31
C THR B 12 19.18 -12.99 -7.45
N GLU B 13 19.17 -14.27 -7.79
CA GLU B 13 20.14 -14.76 -8.79
C GLU B 13 19.80 -14.44 -10.25
N ASP B 14 18.61 -13.89 -10.48
CA ASP B 14 18.17 -13.45 -11.81
C ASP B 14 18.56 -11.99 -12.11
N GLY B 15 19.30 -11.36 -11.18
CA GLY B 15 19.69 -9.94 -11.32
C GLY B 15 18.52 -8.98 -11.15
N GLY B 16 17.38 -9.46 -10.66
CA GLY B 16 16.19 -8.61 -10.58
C GLY B 16 16.09 -7.71 -9.38
N VAL B 17 16.89 -7.99 -8.36
CA VAL B 17 16.96 -7.16 -7.17
C VAL B 17 18.42 -6.88 -6.90
N VAL B 18 18.86 -5.69 -7.24
CA VAL B 18 20.29 -5.33 -7.10
C VAL B 18 20.39 -4.09 -6.21
N LYS B 19 20.99 -4.28 -5.04
CA LYS B 19 21.10 -3.25 -4.01
C LYS B 19 22.48 -2.62 -4.00
N THR B 20 22.57 -1.36 -4.43
CA THR B 20 23.83 -0.64 -4.39
C THR B 20 23.90 0.07 -3.05
N ILE B 21 24.95 -0.20 -2.28
CA ILE B 21 25.02 0.41 -0.96
C ILE B 21 25.62 1.81 -1.10
N LEU B 22 24.90 2.81 -0.59
CA LEU B 22 25.33 4.22 -0.68
C LEU B 22 25.99 4.61 0.63
N ARG B 23 25.43 4.13 1.73
CA ARG B 23 26.00 4.34 3.05
C ARG B 23 25.81 3.04 3.80
N LYS B 24 26.92 2.48 4.29
CA LYS B 24 26.84 1.28 5.10
C LYS B 24 26.15 1.56 6.42
N GLY B 25 25.36 0.60 6.89
CA GLY B 25 24.66 0.76 8.14
C GLY B 25 25.56 0.34 9.29
N GLU B 26 24.97 0.11 10.45
CA GLU B 26 25.72 -0.35 11.64
C GLU B 26 26.37 -1.72 11.43
N GLY B 27 25.72 -2.58 10.67
CA GLY B 27 26.32 -3.80 10.16
C GLY B 27 26.21 -5.05 11.02
N GLY B 28 25.75 -4.90 12.27
CA GLY B 28 25.67 -6.03 13.20
C GLY B 28 24.68 -7.11 12.80
N GLU B 29 24.78 -8.27 13.46
CA GLU B 29 23.74 -9.29 13.31
C GLU B 29 22.49 -8.83 14.04
N GLU B 30 22.66 -8.23 15.23
CA GLU B 30 21.52 -7.69 15.98
C GLU B 30 20.87 -6.53 15.22
N ASN B 31 21.55 -6.05 14.17
CA ASN B 31 21.20 -4.79 13.49
C ASN B 31 20.29 -4.84 12.24
N ALA B 32 19.85 -6.03 11.83
CA ALA B 32 18.93 -6.16 10.71
C ALA B 32 17.49 -6.45 11.19
N PRO B 33 16.47 -5.88 10.52
CA PRO B 33 15.11 -6.22 10.94
C PRO B 33 14.84 -7.71 10.70
N LYS B 34 13.72 -8.21 11.23
CA LYS B 34 13.32 -9.61 11.08
C LYS B 34 11.88 -9.69 10.60
N LYS B 35 11.48 -10.86 10.10
CA LYS B 35 10.13 -11.03 9.61
C LYS B 35 9.04 -10.67 10.64
N GLY B 36 8.06 -9.88 10.22
CA GLY B 36 6.98 -9.43 11.08
C GLY B 36 7.26 -8.16 11.85
N ASN B 37 8.54 -7.75 11.90
CA ASN B 37 8.91 -6.46 12.52
C ASN B 37 8.28 -5.27 11.76
N GLU B 38 7.86 -4.23 12.49
CA GLU B 38 7.51 -2.97 11.84
C GLU B 38 8.80 -2.20 11.54
N VAL B 39 9.00 -1.85 10.28
CA VAL B 39 10.18 -1.07 9.90
C VAL B 39 9.75 0.35 9.57
N THR B 40 10.64 1.30 9.81
CA THR B 40 10.43 2.70 9.43
C THR B 40 11.52 3.09 8.44
N VAL B 41 11.09 3.52 7.26
CA VAL B 41 12.04 3.91 6.23
C VAL B 41 11.70 5.26 5.67
N HIS B 42 12.70 5.90 5.05
CA HIS B 42 12.40 6.92 4.06
C HIS B 42 12.80 6.37 2.70
N TYR B 43 12.07 6.78 1.68
CA TYR B 43 12.32 6.28 0.34
C TYR B 43 11.99 7.29 -0.72
N VAL B 44 12.61 7.09 -1.89
CA VAL B 44 12.34 7.87 -3.07
C VAL B 44 12.32 6.87 -4.21
N GLY B 45 11.19 6.77 -4.91
CA GLY B 45 11.02 5.80 -5.99
C GLY B 45 10.97 6.49 -7.34
N LYS B 46 11.72 5.98 -8.31
CA LYS B 46 11.70 6.51 -9.68
C LYS B 46 11.59 5.40 -10.72
N LEU B 47 11.13 5.76 -11.90
CA LEU B 47 11.19 4.83 -13.03
C LEU B 47 12.59 4.87 -13.60
N GLU B 48 13.16 3.71 -13.87
CA GLU B 48 14.46 3.72 -14.57
C GLU B 48 14.37 4.35 -15.96
N SER B 49 13.26 4.10 -16.65
CA SER B 49 13.17 4.51 -18.05
C SER B 49 13.30 6.03 -18.17
N SER B 50 12.51 6.75 -17.38
CA SER B 50 12.54 8.23 -17.48
C SER B 50 13.43 8.87 -16.45
N GLY B 51 13.69 8.15 -15.34
CA GLY B 51 14.41 8.71 -14.20
C GLY B 51 13.54 9.58 -13.33
N LYS B 52 12.25 9.72 -13.65
CA LYS B 52 11.40 10.61 -12.89
C LYS B 52 10.88 9.93 -11.61
N VAL B 53 10.92 10.70 -10.52
CA VAL B 53 10.35 10.24 -9.23
C VAL B 53 8.83 10.15 -9.35
N PHE B 54 8.28 9.02 -8.91
CA PHE B 54 6.81 8.83 -8.84
C PHE B 54 6.29 8.80 -7.40
N ASP B 55 7.17 8.66 -6.40
CA ASP B 55 6.68 8.56 -5.01
C ASP B 55 7.85 8.83 -4.09
N SER B 56 7.65 9.66 -3.08
CA SER B 56 8.69 9.96 -2.16
C SER B 56 8.13 10.22 -0.78
N SER B 57 8.55 9.43 0.19
CA SER B 57 8.10 9.73 1.55
C SER B 57 8.83 10.98 2.05
N ARG B 58 9.98 11.29 1.47
CA ARG B 58 10.71 12.50 1.86
C ARG B 58 9.92 13.76 1.50
N GLU B 59 9.29 13.76 0.34
CA GLU B 59 8.49 14.90 -0.10
C GLU B 59 7.30 15.11 0.84
N ARG B 60 6.74 14.00 1.31
CA ARG B 60 5.58 14.03 2.21
C ARG B 60 5.99 14.42 3.62
N ASN B 61 7.29 14.31 3.88
CA ASN B 61 7.88 14.51 5.20
C ASN B 61 7.27 13.60 6.26
N VAL B 62 6.91 12.39 5.82
CA VAL B 62 6.31 11.37 6.69
C VAL B 62 7.03 10.05 6.42
N PRO B 63 7.80 9.54 7.40
CA PRO B 63 8.45 8.23 7.25
C PRO B 63 7.41 7.14 7.00
N PHE B 64 7.77 6.15 6.19
CA PHE B 64 6.86 5.10 5.82
C PHE B 64 7.09 3.89 6.71
N LYS B 65 5.98 3.36 7.22
CA LYS B 65 6.06 2.18 8.06
C LYS B 65 5.34 0.99 7.44
N PHE B 66 5.95 -0.18 7.57
CA PHE B 66 5.34 -1.42 7.09
C PHE B 66 5.89 -2.60 7.86
N HIS B 67 5.18 -3.73 7.76
CA HIS B 67 5.64 -4.93 8.45
C HIS B 67 6.37 -5.83 7.49
N LEU B 68 7.60 -6.20 7.87
CA LEU B 68 8.52 -6.85 6.95
C LEU B 68 8.15 -8.30 6.64
N GLY B 69 8.21 -8.68 5.37
CA GLY B 69 8.08 -10.11 5.04
C GLY B 69 6.65 -10.65 5.03
N GLN B 70 5.68 -9.74 4.95
CA GLN B 70 4.28 -10.16 5.02
CA GLN B 70 4.27 -10.09 5.06
C GLN B 70 3.51 -9.81 3.76
N GLY B 71 4.22 -9.37 2.74
CA GLY B 71 3.57 -9.01 1.48
C GLY B 71 2.74 -7.75 1.54
N GLU B 72 3.11 -6.84 2.45
CA GLU B 72 2.48 -5.52 2.57
C GLU B 72 3.05 -4.54 1.54
N VAL B 73 4.17 -4.93 0.93
CA VAL B 73 4.87 -4.11 -0.06
C VAL B 73 5.23 -5.03 -1.22
N ILE B 74 5.68 -4.41 -2.32
CA ILE B 74 6.14 -5.20 -3.47
C ILE B 74 7.29 -6.14 -3.08
N LYS B 75 7.43 -7.24 -3.81
CA LYS B 75 8.40 -8.30 -3.51
CA LYS B 75 8.39 -8.27 -3.44
C LYS B 75 9.82 -7.76 -3.34
N GLY B 76 10.22 -6.88 -4.25
CA GLY B 76 11.57 -6.35 -4.23
C GLY B 76 11.86 -5.58 -2.95
N TRP B 77 10.84 -4.91 -2.38
CA TRP B 77 11.01 -4.22 -1.08
C TRP B 77 11.21 -5.21 0.06
N ASP B 78 10.39 -6.26 0.12
CA ASP B 78 10.54 -7.23 1.20
C ASP B 78 11.96 -7.84 1.10
N ILE B 79 12.45 -8.16 -0.12
CA ILE B 79 13.78 -8.72 -0.28
C ILE B 79 14.86 -7.69 0.10
N CYS B 80 14.72 -6.47 -0.39
CA CYS B 80 15.77 -5.49 -0.12
C CYS B 80 15.89 -5.14 1.36
N VAL B 81 14.76 -4.79 1.98
CA VAL B 81 14.77 -4.31 3.40
C VAL B 81 15.25 -5.41 4.33
N ALA B 82 14.92 -6.67 4.01
CA ALA B 82 15.38 -7.80 4.83
C ALA B 82 16.92 -7.92 4.87
N SER B 83 17.58 -7.37 3.85
CA SER B 83 19.04 -7.39 3.72
C SER B 83 19.76 -6.19 4.34
N MET B 84 19.00 -5.21 4.84
CA MET B 84 19.57 -3.94 5.31
C MET B 84 19.87 -3.98 6.79
N THR B 85 20.83 -3.15 7.21
CA THR B 85 21.03 -2.92 8.63
C THR B 85 20.63 -1.50 8.99
N LYS B 86 20.34 -1.29 10.27
CA LYS B 86 20.04 0.04 10.80
C LYS B 86 20.95 1.14 10.28
N ASN B 87 20.32 2.19 9.78
CA ASN B 87 20.99 3.35 9.21
C ASN B 87 21.60 3.18 7.82
N GLU B 88 21.42 1.99 7.24
CA GLU B 88 21.85 1.78 5.87
C GLU B 88 21.01 2.64 4.91
N LYS B 89 21.69 3.17 3.90
CA LYS B 89 21.04 3.82 2.77
C LYS B 89 21.49 3.12 1.50
N CYS B 90 20.52 2.68 0.73
CA CYS B 90 20.82 2.01 -0.51
C CYS B 90 20.04 2.60 -1.66
N SER B 91 20.47 2.24 -2.87
CA SER B 91 19.68 2.39 -4.07
C SER B 91 19.45 1.01 -4.66
N VAL B 92 18.20 0.59 -4.73
CA VAL B 92 17.87 -0.74 -5.23
C VAL B 92 17.20 -0.66 -6.57
N ARG B 93 17.67 -1.51 -7.49
CA ARG B 93 17.08 -1.60 -8.84
C ARG B 93 16.22 -2.86 -8.88
N LEU B 94 14.94 -2.69 -9.19
CA LEU B 94 13.98 -3.79 -9.25
C LEU B 94 13.49 -4.03 -10.67
N ASP B 95 13.76 -5.21 -11.20
CA ASP B 95 13.08 -5.64 -12.44
CA ASP B 95 13.08 -5.60 -12.45
C ASP B 95 11.57 -5.69 -12.16
N SER B 96 10.76 -5.55 -13.21
CA SER B 96 9.32 -5.50 -13.03
C SER B 96 8.75 -6.72 -12.30
N LYS B 97 9.39 -7.89 -12.41
CA LYS B 97 8.91 -9.06 -11.72
C LYS B 97 8.88 -8.89 -10.21
N TYR B 98 9.71 -7.95 -9.72
CA TYR B 98 9.80 -7.67 -8.28
C TYR B 98 9.08 -6.39 -7.89
N GLY B 99 8.39 -5.80 -8.86
CA GLY B 99 7.58 -4.62 -8.62
C GLY B 99 6.12 -4.86 -9.00
N TYR B 100 5.67 -4.22 -10.08
CA TYR B 100 4.27 -4.33 -10.48
C TYR B 100 4.07 -5.10 -11.76
N GLY B 101 5.16 -5.72 -12.22
CA GLY B 101 5.03 -6.73 -13.28
C GLY B 101 4.54 -6.21 -14.62
N GLU B 102 3.93 -7.09 -15.41
CA GLU B 102 3.39 -6.65 -16.72
C GLU B 102 2.21 -5.71 -16.58
N GLU B 103 1.50 -5.76 -15.44
CA GLU B 103 0.32 -4.93 -15.33
C GLU B 103 0.60 -3.46 -15.09
N GLY B 104 1.69 -3.17 -14.38
CA GLY B 104 1.94 -1.79 -13.98
C GLY B 104 1.08 -1.46 -12.76
N CYS B 105 1.09 -0.19 -12.37
CA CYS B 105 0.23 0.22 -11.25
C CYS B 105 -0.19 1.64 -11.35
N GLY B 106 -1.45 1.84 -11.74
CA GLY B 106 -2.02 3.17 -11.80
C GLY B 106 -1.39 4.05 -12.85
N GLU B 107 -1.61 5.36 -12.69
CA GLU B 107 -1.15 6.32 -13.68
C GLU B 107 0.35 6.49 -13.76
N SER B 108 1.02 6.19 -12.66
CA SER B 108 2.46 6.50 -12.56
C SER B 108 3.41 5.40 -12.99
N ILE B 109 2.96 4.14 -13.00
CA ILE B 109 3.88 3.03 -13.24
C ILE B 109 3.38 2.18 -14.42
N PRO B 110 4.00 2.34 -15.59
CA PRO B 110 3.59 1.51 -16.71
C PRO B 110 3.91 0.04 -16.51
N GLY B 111 3.25 -0.80 -17.30
CA GLY B 111 3.62 -2.20 -17.30
C GLY B 111 5.10 -2.40 -17.67
N ASN B 112 5.69 -3.44 -17.11
CA ASN B 112 7.09 -3.84 -17.36
C ASN B 112 8.08 -2.74 -17.00
N SER B 113 7.81 -2.00 -15.92
CA SER B 113 8.74 -0.93 -15.54
C SER B 113 9.79 -1.43 -14.54
N VAL B 114 11.05 -1.11 -14.80
CA VAL B 114 12.11 -1.24 -13.81
C VAL B 114 11.99 -0.07 -12.84
N LEU B 115 12.02 -0.35 -11.54
CA LEU B 115 11.88 0.70 -10.53
C LEU B 115 13.19 0.86 -9.80
N ILE B 116 13.53 2.08 -9.45
CA ILE B 116 14.72 2.32 -8.66
CA ILE B 116 14.73 2.35 -8.67
C ILE B 116 14.28 3.02 -7.37
N PHE B 117 14.63 2.46 -6.23
CA PHE B 117 14.29 3.11 -4.96
C PHE B 117 15.52 3.41 -4.16
N GLU B 118 15.65 4.64 -3.71
CA GLU B 118 16.59 4.93 -2.65
C GLU B 118 15.86 4.64 -1.33
N ILE B 119 16.40 3.76 -0.51
CA ILE B 119 15.74 3.42 0.77
C ILE B 119 16.72 3.63 1.90
N GLU B 120 16.27 4.31 2.94
CA GLU B 120 17.05 4.49 4.17
C GLU B 120 16.27 3.82 5.30
N LEU B 121 16.90 2.84 5.92
CA LEU B 121 16.30 2.14 7.06
C LEU B 121 16.58 2.93 8.34
N ILE B 122 15.54 3.54 8.87
CA ILE B 122 15.65 4.48 10.00
C ILE B 122 15.63 3.73 11.33
N SER B 123 14.67 2.83 11.47
CA SER B 123 14.47 2.12 12.73
C SER B 123 13.57 0.92 12.51
N PHE B 124 13.55 -0.02 13.44
CA PHE B 124 12.54 -1.06 13.41
C PHE B 124 12.26 -1.52 14.81
N ARG B 125 11.11 -2.15 14.99
CA ARG B 125 10.71 -2.68 16.31
C ARG B 125 9.80 -3.89 16.12
N GLU B 126 9.40 -4.53 17.22
CA GLU B 126 8.31 -5.51 17.15
C GLU B 126 7.23 -5.18 18.18
C1 GOL C . -5.40 1.28 -0.66
O1 GOL C . -4.98 2.37 -1.50
C2 GOL C . -5.17 -0.08 -1.31
O2 GOL C . -5.85 -0.18 -2.53
C3 GOL C . -5.59 -1.26 -0.42
O3 GOL C . -5.52 -2.48 -1.16
C1 GOL D . -1.35 13.90 10.90
O1 GOL D . -2.50 13.87 11.65
C2 GOL D . -0.13 13.39 11.64
O2 GOL D . 0.88 13.76 10.77
C3 GOL D . -0.14 11.87 11.82
O3 GOL D . -1.03 11.44 12.83
C1 GOL E . -6.57 -2.41 -19.63
O1 GOL E . -7.88 -2.51 -20.14
C2 GOL E . -5.94 -3.80 -19.55
O2 GOL E . -5.00 -3.88 -20.60
C3 GOL E . -5.15 -3.91 -18.26
O3 GOL E . -5.18 -5.18 -17.62
C1 GOL F . 0.66 14.57 -0.24
O1 GOL F . 0.27 13.41 0.44
C2 GOL F . 0.69 15.75 0.74
O2 GOL F . 1.97 15.87 1.38
C3 GOL F . -0.55 15.94 1.59
O3 GOL F . -0.38 15.66 2.96
C1 GOL G . 6.70 -18.70 10.48
O1 GOL G . 6.60 -17.30 10.30
C2 GOL G . 8.14 -19.20 10.39
O2 GOL G . 8.70 -18.74 9.19
C3 GOL G . 8.93 -18.66 11.56
O3 GOL G . 10.17 -19.31 11.55
C1 GOL H . 19.35 -13.27 3.43
O1 GOL H . 18.05 -13.78 3.17
C2 GOL H . 19.30 -11.81 3.88
O2 GOL H . 18.01 -11.20 3.71
C3 GOL H . 19.82 -11.68 5.30
O3 GOL H . 21.15 -12.21 5.45
C1 GOL I . 5.77 1.77 -3.68
O1 GOL I . 5.65 1.38 -5.04
C2 GOL I . 6.30 0.68 -2.75
O2 GOL I . 6.94 1.53 -1.81
C3 GOL I . 5.14 -0.05 -2.05
O3 GOL I . 5.14 -1.49 -2.08
C1 GOL J . 28.17 -6.01 -15.35
O1 GOL J . 27.70 -5.06 -14.41
C2 GOL J . 27.08 -6.96 -15.78
O2 GOL J . 26.10 -7.08 -14.76
C3 GOL J . 27.70 -8.32 -16.14
O3 GOL J . 27.84 -9.15 -15.00
#